data_7VOV
#
_entry.id   7VOV
#
_cell.length_a   98.600
_cell.length_b   98.600
_cell.length_c   64.730
_cell.angle_alpha   90.000
_cell.angle_beta   90.000
_cell.angle_gamma   120.000
#
_symmetry.space_group_name_H-M   'P 31 2 1'
#
loop_
_entity.id
_entity.type
_entity.pdbx_description
1 polymer 'Forkhead box protein L2'
2 polymer "DNA (5'-D(P*AP*AP*AP*TP*AP*TP*TP*TP*AP*TP*TP*AP*TP*CP*GP*A)-3')"
3 polymer "DNA (5'-D(P*TP*CP*GP*AP*TP*AP*AP*TP*AP*AP*AP*TP*AP*TP*T)-3')"
#
loop_
_entity_poly.entity_id
_entity_poly.type
_entity_poly.pdbx_seq_one_letter_code
_entity_poly.pdbx_strand_id
1 'polypeptide(L)'
;AQKPPYSYVALIAMAIRESAEKRLTLSGIYQYIIAKFPFYEKNKKGWQNSIRHNLSLNECFIKVPREGGGERKGNYWTLD
PACEDMFEKGNYRR
;
A,B
2 'polydeoxyribonucleotide' (DA)(DA)(DA)(DT)(DA)(DT)(DT)(DT)(DA)(DT)(DT)(DA)(DT)(DC)(DG)(DA) C
3 'polydeoxyribonucleotide' (DT)(DC)(DG)(DA)(DT)(DA)(DA)(DT)(DA)(DA)(DA)(DT)(DA)(DT)(DT) D
#
loop_
_chem_comp.id
_chem_comp.type
_chem_comp.name
_chem_comp.formula
DA DNA linking 2'-DEOXYADENOSINE-5'-MONOPHOSPHATE 'C10 H14 N5 O6 P'
DC DNA linking 2'-DEOXYCYTIDINE-5'-MONOPHOSPHATE 'C9 H14 N3 O7 P'
DG DNA linking 2'-DEOXYGUANOSINE-5'-MONOPHOSPHATE 'C10 H14 N5 O7 P'
DT DNA linking THYMIDINE-5'-MONOPHOSPHATE 'C10 H15 N2 O8 P'
#
# COMPACT_ATOMS: atom_id res chain seq x y z
N GLN A 2 -11.04 12.05 20.89
CA GLN A 2 -11.66 13.30 20.48
C GLN A 2 -11.81 13.37 18.96
N LYS A 3 -11.96 12.21 18.31
CA LYS A 3 -12.12 12.18 16.87
C LYS A 3 -13.44 12.85 16.49
N PRO A 4 -13.52 13.43 15.30
CA PRO A 4 -14.73 14.13 14.91
C PRO A 4 -15.71 13.21 14.20
N PRO A 5 -17.01 13.34 14.48
CA PRO A 5 -18.04 12.68 13.67
C PRO A 5 -18.42 13.50 12.44
N TYR A 6 -17.40 14.00 11.73
CA TYR A 6 -17.57 14.95 10.66
C TYR A 6 -17.17 14.31 9.33
N SER A 7 -17.76 14.81 8.24
CA SER A 7 -17.53 14.24 6.93
C SER A 7 -16.07 14.38 6.52
N TYR A 8 -15.43 13.26 6.19
CA TYR A 8 -13.98 13.23 5.99
C TYR A 8 -13.58 13.87 4.67
N VAL A 9 -14.38 13.69 3.61
CA VAL A 9 -14.16 14.44 2.39
C VAL A 9 -14.36 15.92 2.66
N ALA A 10 -15.41 16.27 3.42
CA ALA A 10 -15.59 17.64 3.83
C ALA A 10 -14.47 18.10 4.75
N LEU A 11 -13.88 17.19 5.52
CA LEU A 11 -12.73 17.55 6.35
C LEU A 11 -11.54 17.94 5.48
N ILE A 12 -11.25 17.14 4.46
CA ILE A 12 -10.16 17.46 3.54
C ILE A 12 -10.43 18.78 2.83
N ALA A 13 -11.66 18.97 2.36
CA ALA A 13 -12.00 20.22 1.66
C ALA A 13 -11.95 21.43 2.58
N MET A 14 -12.32 21.26 3.85
CA MET A 14 -12.23 22.36 4.81
C MET A 14 -10.78 22.71 5.08
N ALA A 15 -9.94 21.71 5.31
CA ALA A 15 -8.50 21.95 5.37
C ALA A 15 -7.99 22.68 4.13
N ILE A 16 -8.52 22.32 2.96
CA ILE A 16 -8.15 23.00 1.72
C ILE A 16 -8.47 24.49 1.81
N ARG A 17 -9.74 24.83 2.06
CA ARG A 17 -10.13 26.23 2.13
C ARG A 17 -9.54 26.95 3.35
N GLU A 18 -9.01 26.21 4.33
CA GLU A 18 -8.35 26.80 5.48
C GLU A 18 -6.86 27.01 5.22
N SER A 19 -6.52 27.66 4.12
CA SER A 19 -5.12 27.88 3.75
C SER A 19 -5.08 28.90 2.62
N ALA A 20 -3.86 29.23 2.19
CA ALA A 20 -3.64 30.12 1.06
C ALA A 20 -3.00 29.39 -0.12
N GLU A 21 -1.87 28.71 0.13
CA GLU A 21 -1.28 27.87 -0.91
C GLU A 21 -2.18 26.70 -1.26
N LYS A 22 -2.84 26.11 -0.25
CA LYS A 22 -3.84 25.06 -0.44
C LYS A 22 -3.26 23.81 -1.12
N ARG A 23 -1.94 23.66 -1.12
CA ARG A 23 -1.28 22.51 -1.73
C ARG A 23 -0.15 22.00 -0.84
N LEU A 24 -0.40 21.90 0.46
CA LEU A 24 0.61 21.43 1.39
C LEU A 24 0.93 19.96 1.14
N THR A 25 2.03 19.50 1.74
CA THR A 25 2.46 18.12 1.60
C THR A 25 1.55 17.18 2.39
N LEU A 26 1.58 15.90 2.02
CA LEU A 26 0.69 14.92 2.63
C LEU A 26 1.01 14.72 4.11
N SER A 27 2.30 14.61 4.46
CA SER A 27 2.69 14.33 5.83
C SER A 27 2.28 15.41 6.81
N GLY A 28 1.85 16.58 6.32
CA GLY A 28 1.38 17.64 7.20
C GLY A 28 -0.12 17.65 7.36
N ILE A 29 -0.83 17.01 6.41
CA ILE A 29 -2.29 17.01 6.42
C ILE A 29 -2.83 16.62 7.79
N TYR A 30 -2.38 15.48 8.31
CA TYR A 30 -2.79 15.02 9.64
C TYR A 30 -2.67 16.14 10.66
N GLN A 31 -1.48 16.77 10.72
CA GLN A 31 -1.25 17.84 11.67
C GLN A 31 -2.36 18.88 11.62
N TYR A 32 -2.77 19.27 10.41
CA TYR A 32 -3.78 20.31 10.29
C TYR A 32 -5.09 19.85 10.92
N ILE A 33 -5.50 18.61 10.63
CA ILE A 33 -6.69 18.05 11.26
C ILE A 33 -6.51 18.06 12.78
N ILE A 34 -5.30 17.73 13.25
CA ILE A 34 -5.01 17.84 14.68
C ILE A 34 -5.29 19.26 15.16
N ALA A 35 -4.75 20.24 14.43
CA ALA A 35 -4.94 21.65 14.78
C ALA A 35 -6.42 21.97 15.02
N LYS A 36 -7.31 21.21 14.41
CA LYS A 36 -8.74 21.38 14.66
C LYS A 36 -9.21 20.52 15.84
N PHE A 37 -8.94 19.22 15.78
CA PHE A 37 -9.47 18.28 16.78
C PHE A 37 -8.44 17.19 17.04
N PRO A 38 -7.58 17.38 18.06
CA PRO A 38 -6.52 16.39 18.32
C PRO A 38 -7.00 15.15 19.04
N PHE A 39 -7.09 14.01 18.35
CA PHE A 39 -7.32 12.72 18.99
C PHE A 39 -6.26 11.69 18.63
N TYR A 40 -6.03 11.46 17.34
CA TYR A 40 -5.38 10.25 16.87
C TYR A 40 -3.90 10.23 17.25
N GLU A 41 -3.34 9.02 17.26
CA GLU A 41 -1.92 8.80 17.44
C GLU A 41 -1.36 8.10 16.22
N LYS A 42 -0.13 8.45 15.85
CA LYS A 42 0.46 7.95 14.61
C LYS A 42 0.73 6.45 14.68
N ASN A 43 0.93 5.90 15.87
CA ASN A 43 1.24 4.48 16.00
C ASN A 43 0.04 3.62 15.62
N LYS A 44 -1.18 4.08 15.92
CA LYS A 44 -2.38 3.35 15.59
C LYS A 44 -2.55 3.26 14.08
N LYS A 45 -2.36 2.06 13.51
CA LYS A 45 -2.50 1.82 12.08
C LYS A 45 -3.89 1.36 11.69
N GLY A 46 -4.89 1.55 12.56
CA GLY A 46 -6.22 1.03 12.31
C GLY A 46 -7.07 1.83 11.35
N TRP A 47 -7.39 3.07 11.71
CA TRP A 47 -8.34 3.89 10.97
C TRP A 47 -7.73 4.63 9.78
N GLN A 48 -6.54 4.22 9.33
CA GLN A 48 -5.92 4.88 8.20
C GLN A 48 -6.68 4.61 6.91
N ASN A 49 -7.16 3.37 6.73
CA ASN A 49 -7.89 3.00 5.52
C ASN A 49 -9.17 3.79 5.37
N SER A 50 -9.78 4.22 6.49
CA SER A 50 -10.98 5.03 6.42
C SER A 50 -10.70 6.37 5.74
N ILE A 51 -9.65 7.07 6.20
CA ILE A 51 -9.28 8.34 5.56
C ILE A 51 -8.84 8.11 4.13
N ARG A 52 -8.15 6.99 3.87
CA ARG A 52 -7.76 6.61 2.51
C ARG A 52 -8.99 6.50 1.60
N HIS A 53 -10.07 5.92 2.10
CA HIS A 53 -11.29 5.75 1.30
C HIS A 53 -11.80 7.09 0.80
N ASN A 54 -11.70 8.14 1.61
CA ASN A 54 -12.10 9.47 1.16
C ASN A 54 -11.06 10.08 0.23
N LEU A 55 -9.77 9.94 0.58
CA LEU A 55 -8.70 10.53 -0.21
C LEU A 55 -8.76 10.05 -1.66
N SER A 56 -8.85 8.74 -1.88
CA SER A 56 -8.73 8.21 -3.23
C SER A 56 -10.06 8.21 -3.99
N LEU A 57 -11.17 7.94 -3.32
CA LEU A 57 -12.46 7.76 -3.99
C LEU A 57 -13.29 9.04 -3.88
N ASN A 58 -13.21 9.88 -4.91
CA ASN A 58 -14.06 11.04 -5.07
C ASN A 58 -14.10 11.42 -6.56
N GLU A 59 -14.74 12.54 -6.89
CA GLU A 59 -14.84 12.97 -8.28
C GLU A 59 -14.67 14.47 -8.46
N CYS A 60 -14.16 15.19 -7.47
CA CYS A 60 -13.85 16.61 -7.61
C CYS A 60 -12.37 16.94 -7.46
N PHE A 61 -11.51 15.93 -7.28
CA PHE A 61 -10.08 16.14 -7.20
C PHE A 61 -9.42 15.58 -8.46
N ILE A 62 -8.18 16.03 -8.71
CA ILE A 62 -7.37 15.54 -9.81
C ILE A 62 -6.02 15.09 -9.28
N LYS A 63 -5.39 14.19 -10.02
CA LYS A 63 -4.09 13.64 -9.68
C LYS A 63 -3.07 14.08 -10.72
N VAL A 64 -2.06 14.83 -10.28
CA VAL A 64 -1.00 15.32 -11.15
C VAL A 64 0.34 15.01 -10.51
N PRO A 65 1.29 14.41 -11.25
CA PRO A 65 2.56 14.02 -10.64
C PRO A 65 3.34 15.23 -10.13
N ARG A 66 3.98 15.04 -8.97
CA ARG A 66 4.79 16.08 -8.36
C ARG A 66 6.09 16.29 -9.14
N GLU A 67 6.89 17.26 -8.69
CA GLU A 67 8.21 17.50 -9.24
C GLU A 67 9.24 16.64 -8.52
N GLY A 68 10.28 16.26 -9.26
CA GLY A 68 11.33 15.40 -8.71
C GLY A 68 12.03 15.99 -7.50
N GLY A 69 11.99 17.32 -7.34
CA GLY A 69 12.55 17.93 -6.15
C GLY A 69 11.63 17.81 -4.95
N GLY A 70 10.32 17.78 -5.19
CA GLY A 70 9.37 17.48 -4.13
C GLY A 70 9.29 15.99 -3.89
N GLU A 71 10.45 15.36 -3.69
CA GLU A 71 10.55 13.90 -3.53
C GLU A 71 10.32 13.55 -2.07
N ARG A 72 9.05 13.39 -1.71
CA ARG A 72 8.65 12.87 -0.41
C ARG A 72 7.48 11.92 -0.64
N LYS A 73 6.82 11.50 0.44
CA LYS A 73 5.73 10.55 0.38
C LYS A 73 4.41 11.32 0.37
N GLY A 74 3.87 11.56 -0.81
CA GLY A 74 2.58 12.21 -0.93
C GLY A 74 2.53 13.09 -2.17
N ASN A 75 1.31 13.57 -2.44
CA ASN A 75 1.05 14.43 -3.60
C ASN A 75 0.26 15.68 -3.19
N TYR A 76 -0.16 16.47 -4.17
CA TYR A 76 -0.91 17.69 -3.94
C TYR A 76 -2.29 17.58 -4.58
N TRP A 77 -3.32 18.09 -3.88
CA TRP A 77 -4.69 18.02 -4.34
C TRP A 77 -5.35 19.38 -4.19
N THR A 78 -6.31 19.66 -5.08
CA THR A 78 -7.06 20.91 -5.05
C THR A 78 -8.53 20.59 -5.34
N LEU A 79 -9.37 21.61 -5.27
CA LEU A 79 -10.82 21.46 -5.42
C LEU A 79 -11.24 21.65 -6.88
N ASP A 80 -12.54 21.76 -7.09
CA ASP A 80 -13.20 21.95 -8.37
C ASP A 80 -14.09 23.20 -8.33
N PRO A 81 -14.10 24.01 -9.39
CA PRO A 81 -14.89 25.25 -9.36
C PRO A 81 -16.36 25.03 -9.01
N ALA A 82 -17.02 24.04 -9.63
CA ALA A 82 -18.39 23.72 -9.25
C ALA A 82 -18.46 23.23 -7.81
N CYS A 83 -17.51 22.39 -7.39
CA CYS A 83 -17.46 21.99 -6.00
C CYS A 83 -17.20 23.18 -5.08
N GLU A 84 -16.35 24.12 -5.51
CA GLU A 84 -16.11 25.31 -4.70
C GLU A 84 -17.38 26.11 -4.49
N ASP A 85 -18.09 26.41 -5.59
CA ASP A 85 -19.30 27.23 -5.48
C ASP A 85 -20.45 26.48 -4.83
N MET A 86 -20.42 25.15 -4.81
CA MET A 86 -21.40 24.39 -4.06
C MET A 86 -21.12 24.42 -2.56
N PHE A 87 -19.86 24.17 -2.18
CA PHE A 87 -19.50 24.14 -0.77
C PHE A 87 -19.48 25.52 -0.13
N GLU A 88 -19.32 26.58 -0.92
CA GLU A 88 -19.29 27.92 -0.34
C GLU A 88 -20.62 28.33 0.27
N LYS A 89 -21.72 27.67 -0.11
CA LYS A 89 -23.04 28.04 0.36
C LYS A 89 -23.56 27.17 1.51
N GLY A 90 -23.40 25.85 1.42
CA GLY A 90 -24.01 24.95 2.38
C GLY A 90 -23.07 24.01 3.10
N ASN A 91 -21.89 24.51 3.52
CA ASN A 91 -20.83 23.62 3.98
C ASN A 91 -21.06 23.10 5.39
N TYR A 92 -21.75 23.85 6.25
CA TYR A 92 -21.74 23.59 7.69
C TYR A 92 -23.16 23.45 8.24
N ARG A 93 -23.99 22.64 7.57
CA ARG A 93 -25.29 22.28 8.11
C ARG A 93 -25.19 20.98 8.90
N ARG A 94 -26.34 20.44 9.30
CA ARG A 94 -26.39 19.16 10.02
C ARG A 94 -27.06 18.08 9.19
N ALA B 1 -4.77 -21.33 -23.70
CA ALA B 1 -5.05 -19.99 -24.22
C ALA B 1 -6.19 -19.34 -23.45
N GLN B 2 -5.84 -18.57 -22.43
CA GLN B 2 -6.81 -17.93 -21.54
C GLN B 2 -6.06 -16.96 -20.65
N LYS B 3 -6.83 -16.20 -19.85
CA LYS B 3 -6.26 -15.18 -18.97
C LYS B 3 -5.91 -15.79 -17.63
N PRO B 4 -4.67 -15.70 -17.17
CA PRO B 4 -4.31 -16.12 -15.79
C PRO B 4 -4.34 -14.96 -14.81
N PRO B 5 -5.50 -14.48 -14.36
CA PRO B 5 -5.53 -13.36 -13.41
C PRO B 5 -5.49 -13.77 -11.94
N TYR B 6 -5.14 -15.01 -11.62
CA TYR B 6 -5.31 -15.55 -10.28
C TYR B 6 -4.01 -15.93 -9.58
N SER B 7 -2.88 -15.95 -10.27
CA SER B 7 -1.67 -16.59 -9.77
C SER B 7 -0.64 -15.57 -9.25
N TYR B 8 -1.10 -14.48 -8.63
CA TYR B 8 -0.21 -13.50 -8.04
C TYR B 8 -0.05 -13.65 -6.53
N VAL B 9 -0.80 -14.54 -5.90
CA VAL B 9 -0.90 -14.61 -4.44
C VAL B 9 -0.18 -15.83 -3.89
N ALA B 10 -0.45 -17.02 -4.45
CA ALA B 10 0.05 -18.27 -3.91
C ALA B 10 1.33 -18.74 -4.59
N LEU B 11 2.04 -17.85 -5.29
CA LEU B 11 3.29 -18.18 -5.94
C LEU B 11 4.51 -17.96 -5.05
N ILE B 12 4.31 -17.51 -3.80
CA ILE B 12 5.41 -17.18 -2.92
C ILE B 12 5.84 -18.40 -2.12
N ALA B 13 4.94 -18.92 -1.29
CA ALA B 13 5.24 -20.11 -0.49
C ALA B 13 5.13 -21.39 -1.30
N MET B 14 4.60 -21.31 -2.52
CA MET B 14 4.51 -22.47 -3.39
C MET B 14 5.86 -23.17 -3.55
N ALA B 15 6.89 -22.40 -3.94
CA ALA B 15 8.22 -22.96 -4.12
C ALA B 15 8.74 -23.62 -2.84
N ILE B 16 8.14 -23.31 -1.69
CA ILE B 16 8.46 -24.04 -0.46
C ILE B 16 7.97 -25.48 -0.56
N ARG B 17 6.65 -25.65 -0.77
CA ARG B 17 6.05 -26.97 -0.65
C ARG B 17 6.13 -27.79 -1.93
N GLU B 18 6.15 -27.12 -3.09
CA GLU B 18 6.35 -27.84 -4.35
C GLU B 18 7.72 -28.52 -4.39
N SER B 19 8.69 -28.00 -3.63
CA SER B 19 10.05 -28.52 -3.63
C SER B 19 10.16 -29.67 -2.63
N ALA B 20 11.39 -30.09 -2.34
CA ALA B 20 11.67 -31.15 -1.38
C ALA B 20 12.39 -30.66 -0.13
N GLU B 21 13.27 -29.66 -0.25
CA GLU B 21 13.97 -29.12 0.90
C GLU B 21 13.25 -27.95 1.54
N LYS B 22 12.29 -27.35 0.84
CA LYS B 22 11.39 -26.33 1.37
C LYS B 22 12.07 -25.00 1.65
N ARG B 23 13.28 -24.78 1.13
CA ARG B 23 13.98 -23.52 1.36
C ARG B 23 14.64 -23.01 0.07
N LEU B 24 13.91 -23.05 -1.04
CA LEU B 24 14.44 -22.49 -2.27
C LEU B 24 14.46 -20.96 -2.18
N THR B 25 15.40 -20.35 -2.91
CA THR B 25 15.61 -18.92 -2.86
C THR B 25 14.99 -18.24 -4.09
N LEU B 26 15.18 -16.93 -4.17
CA LEU B 26 14.64 -16.17 -5.30
C LEU B 26 15.18 -16.65 -6.63
N SER B 27 16.41 -17.16 -6.66
CA SER B 27 16.95 -17.72 -7.89
C SER B 27 16.13 -18.92 -8.34
N GLY B 28 15.89 -19.85 -7.42
CA GLY B 28 15.05 -21.00 -7.74
C GLY B 28 13.64 -20.60 -8.09
N ILE B 29 13.08 -19.64 -7.34
CA ILE B 29 11.76 -19.10 -7.67
C ILE B 29 11.73 -18.65 -9.13
N TYR B 30 12.67 -17.80 -9.52
CA TYR B 30 12.68 -17.26 -10.88
C TYR B 30 12.81 -18.37 -11.91
N GLN B 31 13.83 -19.23 -11.76
CA GLN B 31 14.06 -20.23 -12.80
C GLN B 31 12.91 -21.21 -12.92
N TYR B 32 12.31 -21.62 -11.78
CA TYR B 32 11.23 -22.60 -11.85
C TYR B 32 9.94 -21.97 -12.36
N ILE B 33 9.60 -20.77 -11.91
CA ILE B 33 8.40 -20.09 -12.42
C ILE B 33 8.53 -19.85 -13.91
N ILE B 34 9.74 -19.51 -14.38
CA ILE B 34 9.96 -19.34 -15.82
C ILE B 34 9.78 -20.68 -16.54
N ALA B 35 10.38 -21.75 -15.99
CA ALA B 35 10.27 -23.05 -16.60
C ALA B 35 8.84 -23.57 -16.62
N LYS B 36 7.96 -23.02 -15.77
CA LYS B 36 6.60 -23.54 -15.70
C LYS B 36 5.75 -23.10 -16.90
N PHE B 37 5.58 -21.80 -17.10
CA PHE B 37 4.59 -21.35 -18.06
C PHE B 37 5.15 -20.33 -19.02
N PRO B 38 4.67 -20.34 -20.27
CA PRO B 38 5.39 -19.64 -21.36
C PRO B 38 5.03 -18.17 -21.58
N PHE B 39 4.32 -17.52 -20.67
CA PHE B 39 3.97 -16.11 -20.93
C PHE B 39 4.55 -15.14 -19.93
N TYR B 40 4.65 -15.49 -18.65
CA TYR B 40 5.10 -14.54 -17.65
C TYR B 40 6.57 -14.19 -17.87
N GLU B 41 6.95 -12.97 -17.48
CA GLU B 41 8.24 -12.42 -17.83
C GLU B 41 8.84 -11.68 -16.63
N LYS B 42 10.15 -11.82 -16.46
CA LYS B 42 10.89 -11.14 -15.41
C LYS B 42 11.46 -9.80 -15.84
N ASN B 43 11.23 -9.37 -17.08
CA ASN B 43 11.74 -8.12 -17.60
C ASN B 43 10.82 -6.93 -17.30
N LYS B 44 9.97 -7.04 -16.28
CA LYS B 44 9.04 -5.99 -15.90
C LYS B 44 9.23 -5.71 -14.41
N LYS B 45 9.60 -4.48 -14.08
CA LYS B 45 9.73 -4.12 -12.67
C LYS B 45 8.39 -4.06 -11.97
N GLY B 46 7.32 -3.78 -12.73
CA GLY B 46 5.98 -3.70 -12.18
C GLY B 46 5.49 -4.99 -11.53
N TRP B 47 5.46 -6.08 -12.31
CA TRP B 47 5.03 -7.35 -11.76
C TRP B 47 5.98 -7.86 -10.69
N GLN B 48 7.28 -7.53 -10.81
CA GLN B 48 8.24 -7.91 -9.78
C GLN B 48 7.88 -7.27 -8.45
N ASN B 49 7.70 -5.94 -8.43
CA ASN B 49 7.31 -5.27 -7.20
C ASN B 49 5.94 -5.71 -6.72
N SER B 50 5.05 -6.10 -7.65
CA SER B 50 3.75 -6.62 -7.26
C SER B 50 3.90 -7.89 -6.43
N ILE B 51 4.62 -8.88 -6.98
CA ILE B 51 4.89 -10.11 -6.23
C ILE B 51 5.71 -9.83 -4.97
N ARG B 52 6.49 -8.75 -4.96
CA ARG B 52 7.26 -8.40 -3.78
C ARG B 52 6.36 -7.94 -2.64
N HIS B 53 5.40 -7.06 -2.92
CA HIS B 53 4.50 -6.59 -1.87
C HIS B 53 3.42 -7.60 -1.50
N ASN B 54 3.24 -8.66 -2.29
CA ASN B 54 2.25 -9.69 -1.96
C ASN B 54 2.60 -10.44 -0.68
N LEU B 55 3.79 -10.23 -0.11
CA LEU B 55 4.24 -10.95 1.06
C LEU B 55 4.05 -10.19 2.36
N SER B 56 3.78 -8.88 2.31
CA SER B 56 3.74 -8.05 3.51
C SER B 56 2.38 -8.04 4.20
N LEU B 57 1.29 -8.12 3.44
CA LEU B 57 -0.04 -7.94 4.02
C LEU B 57 -0.37 -9.05 5.02
N ASN B 58 -0.38 -10.30 4.56
CA ASN B 58 -0.72 -11.42 5.44
C ASN B 58 0.40 -11.64 6.45
N GLU B 59 0.04 -11.69 7.73
CA GLU B 59 1.01 -11.77 8.82
C GLU B 59 1.20 -13.22 9.24
N CYS B 60 1.93 -13.97 8.39
CA CYS B 60 2.33 -15.33 8.72
C CYS B 60 3.78 -15.64 8.39
N PHE B 61 4.46 -14.80 7.61
CA PHE B 61 5.83 -15.06 7.20
C PHE B 61 6.80 -14.70 8.31
N ILE B 62 8.03 -15.20 8.21
CA ILE B 62 9.05 -14.95 9.22
C ILE B 62 10.43 -15.17 8.59
N LYS B 63 11.45 -14.65 9.24
CA LYS B 63 12.84 -14.73 8.78
C LYS B 63 13.56 -15.80 9.58
N VAL B 64 14.36 -16.63 8.90
CA VAL B 64 15.02 -17.78 9.51
C VAL B 64 16.50 -17.80 9.14
N PRO B 65 17.40 -18.00 10.10
CA PRO B 65 18.83 -17.83 9.83
C PRO B 65 19.36 -18.80 8.78
N ARG B 66 20.44 -18.39 8.13
CA ARG B 66 21.17 -19.25 7.20
C ARG B 66 22.64 -18.84 7.20
N GLU B 67 23.51 -19.80 6.89
CA GLU B 67 24.95 -19.59 6.88
C GLU B 67 25.39 -19.11 5.49
N GLY B 68 26.71 -19.11 5.26
CA GLY B 68 27.26 -18.55 4.04
C GLY B 68 27.07 -19.38 2.80
N GLY B 69 25.84 -19.80 2.53
CA GLY B 69 25.50 -20.43 1.27
C GLY B 69 24.97 -19.40 0.29
N GLY B 70 25.27 -18.12 0.56
CA GLY B 70 24.72 -17.02 -0.21
C GLY B 70 24.35 -15.86 0.70
N GLU B 71 24.60 -16.01 1.99
CA GLU B 71 24.23 -15.00 2.97
C GLU B 71 25.28 -13.90 3.00
N ARG B 72 24.89 -12.71 2.55
CA ARG B 72 25.62 -11.48 2.83
C ARG B 72 24.64 -10.47 3.41
N LYS B 73 23.39 -10.55 2.97
CA LYS B 73 22.34 -9.69 3.48
C LYS B 73 21.84 -10.16 4.84
N GLY B 74 21.60 -11.45 4.99
CA GLY B 74 21.17 -12.00 6.25
C GLY B 74 20.35 -13.27 6.03
N ASN B 75 19.30 -13.41 6.85
CA ASN B 75 18.54 -14.65 6.95
C ASN B 75 17.59 -14.81 5.77
N TYR B 76 17.21 -16.07 5.53
CA TYR B 76 16.23 -16.39 4.50
C TYR B 76 14.82 -16.15 5.03
N TRP B 77 13.81 -16.48 4.23
CA TRP B 77 12.42 -16.22 4.57
C TRP B 77 11.60 -17.48 4.40
N THR B 78 10.80 -17.82 5.41
CA THR B 78 9.89 -18.96 5.32
C THR B 78 8.68 -18.67 6.19
N LEU B 79 7.94 -19.71 6.53
CA LEU B 79 6.77 -19.57 7.38
C LEU B 79 7.14 -19.74 8.85
N ASP B 80 6.15 -19.64 9.71
CA ASP B 80 6.08 -19.77 11.16
C ASP B 80 5.58 -21.16 11.53
N PRO B 81 6.06 -21.73 12.63
CA PRO B 81 5.58 -23.06 13.05
C PRO B 81 4.10 -23.10 13.45
N ALA B 82 3.38 -21.98 13.35
CA ALA B 82 1.96 -21.95 13.70
C ALA B 82 1.06 -22.07 12.47
N CYS B 83 1.23 -21.17 11.49
CA CYS B 83 0.46 -21.24 10.25
C CYS B 83 1.08 -22.26 9.29
N GLU B 84 1.17 -23.50 9.78
CA GLU B 84 1.86 -24.58 9.07
C GLU B 84 0.90 -25.42 8.22
N ASP B 85 -0.09 -26.03 8.86
CA ASP B 85 -0.99 -26.98 8.19
C ASP B 85 -1.99 -26.31 7.27
N MET B 86 -1.85 -25.00 7.05
CA MET B 86 -2.70 -24.27 6.10
C MET B 86 -1.97 -23.91 4.83
N PHE B 87 -0.66 -24.17 4.75
CA PHE B 87 0.12 -23.84 3.57
C PHE B 87 0.72 -25.06 2.87
N GLU B 88 0.70 -26.24 3.49
CA GLU B 88 1.03 -27.45 2.75
C GLU B 88 0.02 -27.69 1.64
N LYS B 89 -1.23 -27.30 1.86
CA LYS B 89 -2.27 -27.38 0.84
C LYS B 89 -2.39 -26.07 0.08
#